data_8KFP
#
_entry.id   8KFP
#
_entity_poly.entity_id   1
_entity_poly.type   'polypeptide(L)'
_entity_poly.pdbx_seq_one_letter_code
;MDNKSAVSALQEFCARTQINLPTYSFIPGEDGGYVCKVELLEIEALGNGRSKRDAKHLAASNILRKIQLLPGIHGLMKDS
TVGDVGDELTNLNRLEHHHHHH
;
_entity_poly.pdbx_strand_id   A
#
# COMPACT_ATOMS: atom_id res chain seq x y z
N ALA A 6 4.51 7.47 -1.66
CA ALA A 6 4.10 6.35 -2.50
C ALA A 6 2.59 6.30 -2.66
N VAL A 7 1.88 6.54 -1.57
CA VAL A 7 0.42 6.48 -1.57
C VAL A 7 -0.16 7.42 -2.62
N SER A 8 0.35 8.65 -2.65
CA SER A 8 -0.11 9.65 -3.61
C SER A 8 0.09 9.16 -5.04
N ALA A 9 1.24 8.54 -5.30
CA ALA A 9 1.55 8.03 -6.63
C ALA A 9 0.57 6.94 -7.04
N LEU A 10 0.18 6.10 -6.08
CA LEU A 10 -0.77 5.03 -6.35
C LEU A 10 -2.17 5.58 -6.59
N GLN A 11 -2.56 6.56 -5.78
CA GLN A 11 -3.86 7.20 -5.92
C GLN A 11 -3.97 7.95 -7.24
N GLU A 12 -2.89 8.65 -7.61
CA GLU A 12 -2.81 9.31 -8.90
C GLU A 12 -2.88 8.31 -10.04
N PHE A 13 -2.09 7.24 -9.93
CA PHE A 13 -2.16 6.15 -10.88
C PHE A 13 -3.59 5.64 -11.05
N CYS A 14 -4.26 5.40 -9.93
CA CYS A 14 -5.62 4.90 -9.95
C CYS A 14 -6.55 5.86 -10.68
N ALA A 15 -6.38 7.15 -10.43
CA ALA A 15 -7.18 8.18 -11.09
C ALA A 15 -6.94 8.17 -12.60
N ARG A 16 -5.67 8.13 -12.99
CA ARG A 16 -5.31 8.19 -14.40
C ARG A 16 -5.83 6.97 -15.16
N THR A 17 -5.86 5.83 -14.48
CA THR A 17 -6.30 4.58 -15.10
C THR A 17 -7.78 4.35 -14.85
N GLN A 18 -8.43 5.29 -14.17
CA GLN A 18 -9.86 5.20 -13.91
C GLN A 18 -10.22 3.89 -13.24
N ILE A 19 -9.53 3.57 -12.14
CA ILE A 19 -9.86 2.41 -11.34
C ILE A 19 -10.17 2.80 -9.89
N ASN A 20 -10.64 1.85 -9.11
CA ASN A 20 -10.94 2.09 -7.71
C ASN A 20 -9.70 2.47 -6.93
N LEU A 21 -9.88 3.20 -5.83
CA LEU A 21 -8.78 3.53 -4.94
C LEU A 21 -8.43 2.34 -4.05
N PRO A 22 -7.16 2.29 -3.63
CA PRO A 22 -6.69 1.20 -2.77
C PRO A 22 -7.27 1.32 -1.36
N THR A 23 -7.35 0.20 -0.67
CA THR A 23 -7.67 0.20 0.75
C THR A 23 -6.50 -0.36 1.58
N TYR A 24 -6.42 0.07 2.83
CA TYR A 24 -5.29 -0.28 3.68
C TYR A 24 -5.77 -0.86 5.02
N SER A 25 -4.95 -1.75 5.59
CA SER A 25 -5.19 -2.23 6.94
C SER A 25 -3.88 -2.51 7.66
N PHE A 26 -3.83 -2.20 8.95
CA PHE A 26 -2.60 -2.25 9.72
C PHE A 26 -2.67 -3.27 10.84
N ILE A 27 -1.56 -3.97 11.08
CA ILE A 27 -1.44 -4.81 12.26
C ILE A 27 -0.11 -4.57 12.96
N PRO A 28 -0.08 -4.83 14.27
CA PRO A 28 1.15 -4.76 15.04
C PRO A 28 2.24 -5.62 14.41
N GLY A 29 3.46 -5.09 14.36
CA GLY A 29 4.59 -5.83 13.84
C GLY A 29 5.26 -6.68 14.92
N GLU A 30 5.92 -7.74 14.50
CA GLU A 30 6.59 -8.64 15.44
C GLU A 30 7.68 -7.92 16.22
N ASP A 31 8.30 -6.93 15.57
CA ASP A 31 9.41 -6.21 16.17
C ASP A 31 8.93 -4.96 16.91
N GLY A 32 7.61 -4.86 17.10
CA GLY A 32 7.02 -3.74 17.81
C GLY A 32 6.69 -2.59 16.85
N GLY A 33 6.98 -2.80 15.58
CA GLY A 33 6.67 -1.81 14.55
C GLY A 33 5.27 -2.03 13.99
N TYR A 34 5.09 -1.68 12.72
CA TYR A 34 3.79 -1.78 12.07
C TYR A 34 3.90 -2.49 10.72
N VAL A 35 2.91 -3.33 10.43
CA VAL A 35 2.80 -3.94 9.10
C VAL A 35 1.50 -3.57 8.42
N CYS A 36 1.60 -3.06 7.20
CA CYS A 36 0.43 -2.61 6.46
C CYS A 36 0.13 -3.53 5.28
N LYS A 37 -1.14 -3.87 5.11
CA LYS A 37 -1.60 -4.55 3.91
C LYS A 37 -2.43 -3.62 3.03
N VAL A 38 -2.15 -3.65 1.73
CA VAL A 38 -2.92 -2.87 0.76
C VAL A 38 -3.58 -3.77 -0.27
N GLU A 39 -4.82 -3.46 -0.62
CA GLU A 39 -5.56 -4.23 -1.61
C GLU A 39 -6.07 -3.35 -2.74
N LEU A 40 -5.80 -3.77 -3.98
CA LEU A 40 -6.28 -3.05 -5.15
C LEU A 40 -6.34 -3.95 -6.37
N LEU A 41 -7.50 -4.01 -7.00
CA LEU A 41 -7.71 -4.88 -8.16
C LEU A 41 -7.34 -6.32 -7.84
N GLU A 42 -7.69 -6.77 -6.64
CA GLU A 42 -7.43 -8.13 -6.22
C GLU A 42 -5.93 -8.43 -6.20
N ILE A 43 -5.13 -7.38 -6.09
CA ILE A 43 -3.70 -7.53 -5.83
C ILE A 43 -3.37 -7.16 -4.39
N GLU A 44 -2.57 -8.00 -3.75
CA GLU A 44 -2.15 -7.76 -2.36
C GLU A 44 -0.68 -7.37 -2.29
N ALA A 45 -0.35 -6.51 -1.35
CA ALA A 45 1.04 -6.24 -1.00
C ALA A 45 1.17 -5.82 0.46
N LEU A 46 2.34 -6.08 1.04
CA LEU A 46 2.62 -5.68 2.43
C LEU A 46 3.67 -4.59 2.48
N GLY A 47 3.64 -3.79 3.54
CA GLY A 47 4.73 -2.89 3.86
C GLY A 47 5.15 -3.02 5.31
N ASN A 48 6.44 -2.80 5.58
CA ASN A 48 6.99 -3.01 6.91
C ASN A 48 7.83 -1.82 7.36
N GLY A 49 7.43 -1.20 8.46
CA GLY A 49 8.13 -0.03 8.97
C GLY A 49 7.88 0.14 10.47
N ARG A 50 8.36 1.26 11.01
CA ARG A 50 8.21 1.53 12.44
C ARG A 50 7.02 2.43 12.72
N SER A 51 6.24 2.71 11.68
CA SER A 51 5.04 3.52 11.82
C SER A 51 4.01 3.15 10.77
N LYS A 52 2.75 3.50 11.04
CA LYS A 52 1.68 3.32 10.06
C LYS A 52 1.96 4.10 8.79
N ARG A 53 2.53 5.29 8.93
CA ARG A 53 2.93 6.10 7.79
C ARG A 53 3.90 5.34 6.90
N ASP A 54 5.00 4.88 7.48
CA ASP A 54 6.04 4.19 6.72
C ASP A 54 5.48 2.97 6.01
N ALA A 55 4.79 2.12 6.76
CA ALA A 55 4.27 0.86 6.22
C ALA A 55 3.27 1.11 5.10
N LYS A 56 2.46 2.14 5.26
CA LYS A 56 1.42 2.47 4.29
C LYS A 56 2.04 2.78 2.93
N HIS A 57 3.07 3.60 2.93
CA HIS A 57 3.74 4.01 1.70
C HIS A 57 4.48 2.83 1.06
N LEU A 58 5.13 2.03 1.89
CA LEU A 58 5.85 0.86 1.41
C LEU A 58 4.89 -0.14 0.75
N ALA A 59 3.74 -0.34 1.37
CA ALA A 59 2.71 -1.20 0.81
C ALA A 59 2.20 -0.64 -0.51
N ALA A 60 1.93 0.66 -0.54
CA ALA A 60 1.43 1.32 -1.73
C ALA A 60 2.41 1.20 -2.89
N SER A 61 3.70 1.36 -2.58
CA SER A 61 4.74 1.24 -3.59
C SER A 61 4.77 -0.14 -4.21
N ASN A 62 4.68 -1.16 -3.36
CA ASN A 62 4.79 -2.55 -3.81
C ASN A 62 3.65 -2.91 -4.75
N ILE A 63 2.43 -2.60 -4.34
CA ILE A 63 1.24 -2.94 -5.12
C ILE A 63 1.18 -2.12 -6.40
N LEU A 64 1.69 -0.89 -6.34
CA LEU A 64 1.77 -0.04 -7.53
C LEU A 64 2.59 -0.70 -8.63
N ARG A 65 3.77 -1.22 -8.26
CA ARG A 65 4.64 -1.89 -9.21
C ARG A 65 3.96 -3.12 -9.81
N LYS A 66 3.26 -3.87 -8.97
CA LYS A 66 2.60 -5.09 -9.41
C LYS A 66 1.55 -4.80 -10.48
N ILE A 67 0.87 -3.68 -10.34
CA ILE A 67 -0.22 -3.33 -11.24
C ILE A 67 0.27 -2.49 -12.41
N GLN A 68 1.21 -1.58 -12.13
CA GLN A 68 1.63 -0.58 -13.10
C GLN A 68 2.61 -1.17 -14.11
N LEU A 69 3.53 -1.99 -13.61
CA LEU A 69 4.65 -2.46 -14.42
C LEU A 69 4.42 -3.86 -14.95
N ALA A 6 4.49 7.26 -1.96
CA ALA A 6 4.04 6.15 -2.78
C ALA A 6 2.51 6.13 -2.89
N VAL A 7 1.85 6.37 -1.76
CA VAL A 7 0.40 6.28 -1.69
C VAL A 7 -0.25 7.24 -2.69
N SER A 8 0.20 8.49 -2.68
CA SER A 8 -0.37 9.51 -3.55
C SER A 8 -0.18 9.16 -5.02
N ALA A 9 0.93 8.52 -5.33
CA ALA A 9 1.21 8.07 -6.69
C ALA A 9 0.25 6.96 -7.11
N LEU A 10 -0.07 6.07 -6.16
CA LEU A 10 -1.00 4.98 -6.43
C LEU A 10 -2.42 5.51 -6.59
N GLN A 11 -2.77 6.51 -5.80
CA GLN A 11 -4.07 7.17 -5.92
C GLN A 11 -4.18 7.90 -7.26
N GLU A 12 -3.10 8.55 -7.67
CA GLU A 12 -3.05 9.19 -8.98
C GLU A 12 -3.22 8.17 -10.10
N PHE A 13 -2.50 7.06 -10.00
CA PHE A 13 -2.65 5.95 -10.93
C PHE A 13 -4.11 5.54 -11.07
N CYS A 14 -4.77 5.38 -9.93
CA CYS A 14 -6.17 4.96 -9.91
C CYS A 14 -7.06 5.97 -10.63
N ALA A 15 -6.79 7.25 -10.41
CA ALA A 15 -7.53 8.32 -11.06
C ALA A 15 -7.33 8.29 -12.57
N ARG A 16 -6.09 8.06 -12.99
CA ARG A 16 -5.76 8.03 -14.41
C ARG A 16 -6.39 6.82 -15.09
N THR A 17 -6.42 5.69 -14.37
CA THR A 17 -6.97 4.45 -14.92
C THR A 17 -8.43 4.29 -14.55
N GLN A 18 -8.95 5.22 -13.75
CA GLN A 18 -10.35 5.23 -13.39
C GLN A 18 -10.76 3.91 -12.72
N ILE A 19 -10.00 3.53 -11.69
CA ILE A 19 -10.36 2.38 -10.87
C ILE A 19 -10.52 2.77 -9.40
N ASN A 20 -11.01 1.83 -8.60
CA ASN A 20 -11.22 2.09 -7.17
C ASN A 20 -9.91 2.42 -6.48
N LEU A 21 -9.99 3.24 -5.43
CA LEU A 21 -8.82 3.59 -4.63
C LEU A 21 -8.38 2.39 -3.78
N PRO A 22 -7.09 2.36 -3.46
CA PRO A 22 -6.54 1.28 -2.66
C PRO A 22 -7.08 1.31 -1.24
N THR A 23 -7.22 0.13 -0.63
CA THR A 23 -7.63 0.03 0.76
C THR A 23 -6.50 -0.52 1.63
N TYR A 24 -6.27 0.12 2.77
CA TYR A 24 -5.15 -0.25 3.64
C TYR A 24 -5.65 -0.80 4.97
N SER A 25 -4.90 -1.75 5.52
CA SER A 25 -5.20 -2.28 6.85
C SER A 25 -3.92 -2.54 7.63
N PHE A 26 -3.90 -2.08 8.89
CA PHE A 26 -2.68 -2.06 9.67
C PHE A 26 -2.75 -3.05 10.83
N ILE A 27 -1.63 -3.72 11.10
CA ILE A 27 -1.48 -4.50 12.32
C ILE A 27 -0.15 -4.21 13.01
N PRO A 28 -0.12 -4.39 14.32
CA PRO A 28 1.12 -4.26 15.08
C PRO A 28 2.09 -5.38 14.74
N GLY A 29 3.38 -5.07 14.79
CA GLY A 29 4.41 -6.08 14.58
C GLY A 29 4.92 -6.63 15.91
N GLU A 30 5.49 -7.83 15.87
CA GLU A 30 6.04 -8.46 17.07
C GLU A 30 7.18 -7.63 17.64
N ASP A 31 7.88 -6.89 16.77
CA ASP A 31 9.04 -6.11 17.18
C ASP A 31 8.62 -4.69 17.57
N GLY A 32 7.32 -4.46 17.68
CA GLY A 32 6.80 -3.16 18.08
C GLY A 32 6.62 -2.25 16.87
N GLY A 33 6.92 -2.77 15.70
CA GLY A 33 6.78 -2.01 14.46
C GLY A 33 5.35 -2.14 13.90
N TYR A 34 5.20 -1.83 12.62
CA TYR A 34 3.88 -1.86 11.99
C TYR A 34 3.94 -2.61 10.66
N VAL A 35 2.90 -3.41 10.39
CA VAL A 35 2.74 -4.04 9.09
C VAL A 35 1.42 -3.63 8.45
N CYS A 36 1.48 -3.27 7.17
CA CYS A 36 0.31 -2.76 6.46
C CYS A 36 0.03 -3.58 5.21
N LYS A 37 -1.22 -4.03 5.07
CA LYS A 37 -1.66 -4.68 3.84
C LYS A 37 -2.47 -3.72 2.98
N VAL A 38 -2.21 -3.73 1.68
CA VAL A 38 -2.97 -2.92 0.73
C VAL A 38 -3.60 -3.79 -0.34
N GLU A 39 -4.86 -3.49 -0.67
CA GLU A 39 -5.55 -4.19 -1.74
C GLU A 39 -6.00 -3.22 -2.84
N LEU A 40 -5.65 -3.53 -4.08
CA LEU A 40 -6.08 -2.74 -5.22
C LEU A 40 -6.13 -3.58 -6.50
N LEU A 41 -7.26 -3.55 -7.17
CA LEU A 41 -7.41 -4.23 -8.46
C LEU A 41 -7.00 -5.69 -8.35
N GLU A 42 -7.42 -6.34 -7.27
CA GLU A 42 -7.12 -7.76 -7.07
C GLU A 42 -5.62 -8.00 -6.97
N ILE A 43 -4.89 -6.99 -6.53
CA ILE A 43 -3.49 -7.15 -6.18
C ILE A 43 -3.24 -6.88 -4.70
N GLU A 44 -2.59 -7.82 -4.04
CA GLU A 44 -2.23 -7.65 -2.63
C GLU A 44 -0.75 -7.32 -2.48
N ALA A 45 -0.42 -6.53 -1.47
CA ALA A 45 0.97 -6.31 -1.07
C ALA A 45 1.06 -5.94 0.40
N LEU A 46 2.22 -6.23 1.00
CA LEU A 46 2.48 -5.83 2.38
C LEU A 46 3.56 -4.75 2.45
N GLY A 47 3.50 -3.94 3.49
CA GLY A 47 4.62 -3.07 3.85
C GLY A 47 5.00 -3.24 5.31
N ASN A 48 6.25 -2.90 5.63
CA ASN A 48 6.78 -3.13 6.98
C ASN A 48 7.75 -2.03 7.38
N GLY A 49 7.46 -1.37 8.48
CA GLY A 49 8.29 -0.26 8.97
C GLY A 49 8.06 -0.02 10.46
N ARG A 50 8.59 1.10 10.95
CA ARG A 50 8.47 1.44 12.36
C ARG A 50 7.32 2.41 12.60
N SER A 51 6.53 2.65 11.56
CA SER A 51 5.36 3.51 11.67
C SER A 51 4.29 3.13 10.65
N LYS A 52 3.06 3.54 10.91
CA LYS A 52 1.97 3.36 9.96
C LYS A 52 2.26 4.08 8.65
N ARG A 53 2.88 5.25 8.75
CA ARG A 53 3.30 6.00 7.58
C ARG A 53 4.22 5.17 6.68
N ASP A 54 5.29 4.64 7.28
CA ASP A 54 6.27 3.86 6.53
C ASP A 54 5.63 2.65 5.87
N ALA A 55 4.90 1.86 6.66
CA ALA A 55 4.31 0.62 6.19
C ALA A 55 3.31 0.88 5.06
N LYS A 56 2.57 1.98 5.18
CA LYS A 56 1.54 2.31 4.20
C LYS A 56 2.15 2.59 2.83
N HIS A 57 3.19 3.43 2.81
CA HIS A 57 3.84 3.81 1.56
C HIS A 57 4.62 2.65 0.96
N LEU A 58 5.23 1.84 1.82
CA LEU A 58 5.92 0.63 1.38
C LEU A 58 4.96 -0.35 0.74
N ALA A 59 3.78 -0.51 1.35
CA ALA A 59 2.74 -1.35 0.78
C ALA A 59 2.28 -0.83 -0.58
N ALA A 60 2.06 0.48 -0.66
CA ALA A 60 1.67 1.11 -1.91
C ALA A 60 2.73 0.93 -2.98
N SER A 61 3.99 1.03 -2.58
CA SER A 61 5.11 0.88 -3.50
C SER A 61 5.11 -0.50 -4.14
N ASN A 62 4.83 -1.52 -3.35
CA ASN A 62 4.84 -2.89 -3.83
C ASN A 62 3.70 -3.14 -4.81
N ILE A 63 2.63 -2.37 -4.68
CA ILE A 63 1.55 -2.37 -5.67
C ILE A 63 1.97 -1.67 -6.95
N LEU A 64 2.63 -0.52 -6.81
CA LEU A 64 3.08 0.26 -7.95
C LEU A 64 4.04 -0.55 -8.82
N ARG A 65 4.76 -1.47 -8.20
CA ARG A 65 5.73 -2.30 -8.91
C ARG A 65 5.06 -3.43 -9.65
N LYS A 66 3.76 -3.59 -9.45
CA LYS A 66 3.00 -4.66 -10.06
C LYS A 66 1.90 -4.12 -10.97
N ILE A 67 1.13 -3.18 -10.45
CA ILE A 67 -0.10 -2.75 -11.12
C ILE A 67 0.21 -1.96 -12.38
N GLN A 68 1.43 -1.44 -12.47
CA GLN A 68 1.83 -0.60 -13.59
C GLN A 68 2.54 -1.43 -14.67
N LEU A 69 2.51 -2.74 -14.50
CA LEU A 69 3.12 -3.64 -15.47
C LEU A 69 2.14 -4.03 -16.57
N ALA A 6 4.49 7.09 -2.08
CA ALA A 6 4.01 5.96 -2.88
C ALA A 6 2.50 5.97 -2.98
N VAL A 7 1.83 6.22 -1.84
CA VAL A 7 0.37 6.19 -1.79
C VAL A 7 -0.22 7.19 -2.77
N SER A 8 0.36 8.39 -2.83
CA SER A 8 -0.13 9.43 -3.73
C SER A 8 -0.08 8.97 -5.18
N ALA A 9 0.96 8.22 -5.52
CA ALA A 9 1.12 7.72 -6.89
C ALA A 9 -0.01 6.78 -7.27
N LEU A 10 -0.46 5.97 -6.31
CA LEU A 10 -1.59 5.08 -6.52
C LEU A 10 -2.87 5.87 -6.74
N GLN A 11 -3.02 6.97 -6.00
CA GLN A 11 -4.20 7.82 -6.13
C GLN A 11 -4.26 8.45 -7.52
N GLU A 12 -3.11 8.91 -8.02
CA GLU A 12 -3.02 9.43 -9.37
C GLU A 12 -3.30 8.35 -10.40
N PHE A 13 -2.66 7.20 -10.22
CA PHE A 13 -2.90 6.04 -11.08
C PHE A 13 -4.39 5.72 -11.17
N CYS A 14 -5.05 5.66 -10.02
CA CYS A 14 -6.46 5.31 -9.96
C CYS A 14 -7.32 6.36 -10.66
N ALA A 15 -6.96 7.62 -10.49
CA ALA A 15 -7.65 8.72 -11.15
C ALA A 15 -7.52 8.62 -12.67
N ARG A 16 -6.31 8.33 -13.14
CA ARG A 16 -6.04 8.24 -14.56
C ARG A 16 -6.74 7.03 -15.18
N THR A 17 -6.77 5.93 -14.44
CA THR A 17 -7.34 4.69 -14.94
C THR A 17 -8.80 4.54 -14.51
N GLN A 18 -9.27 5.49 -13.69
CA GLN A 18 -10.66 5.51 -13.25
C GLN A 18 -11.03 4.19 -12.56
N ILE A 19 -10.26 3.82 -11.55
CA ILE A 19 -10.56 2.63 -10.76
C ILE A 19 -10.70 2.98 -9.28
N ASN A 20 -11.12 1.99 -8.49
CA ASN A 20 -11.26 2.19 -7.05
C ASN A 20 -9.92 2.47 -6.40
N LEU A 21 -9.93 3.29 -5.36
CA LEU A 21 -8.72 3.58 -4.58
C LEU A 21 -8.28 2.36 -3.79
N PRO A 22 -6.98 2.28 -3.52
CA PRO A 22 -6.42 1.17 -2.74
C PRO A 22 -6.96 1.18 -1.31
N THR A 23 -7.11 0.00 -0.74
CA THR A 23 -7.55 -0.14 0.65
C THR A 23 -6.44 -0.67 1.54
N TYR A 24 -6.26 -0.05 2.69
CA TYR A 24 -5.15 -0.39 3.57
C TYR A 24 -5.66 -0.96 4.89
N SER A 25 -4.89 -1.88 5.46
CA SER A 25 -5.18 -2.40 6.79
C SER A 25 -3.91 -2.63 7.59
N PHE A 26 -3.91 -2.17 8.84
CA PHE A 26 -2.70 -2.13 9.65
C PHE A 26 -2.77 -3.11 10.80
N ILE A 27 -1.65 -3.77 11.10
CA ILE A 27 -1.51 -4.53 12.32
C ILE A 27 -0.19 -4.23 13.02
N PRO A 28 -0.17 -4.40 14.34
CA PRO A 28 1.06 -4.25 15.12
C PRO A 28 2.04 -5.38 14.79
N GLY A 29 3.32 -5.06 14.84
CA GLY A 29 4.37 -6.06 14.66
C GLY A 29 4.86 -6.60 16.00
N GLU A 30 5.44 -7.79 15.98
CA GLU A 30 5.98 -8.40 17.19
C GLU A 30 7.11 -7.56 17.77
N ASP A 31 7.81 -6.83 16.91
CA ASP A 31 8.95 -6.03 17.32
C ASP A 31 8.52 -4.61 17.69
N GLY A 32 7.21 -4.40 17.79
CA GLY A 32 6.67 -3.10 18.18
C GLY A 32 6.51 -2.19 16.97
N GLY A 33 6.83 -2.72 15.80
CA GLY A 33 6.69 -1.96 14.55
C GLY A 33 5.29 -2.11 13.98
N TYR A 34 5.14 -1.81 12.69
CA TYR A 34 3.84 -1.86 12.05
C TYR A 34 3.92 -2.62 10.73
N VAL A 35 2.89 -3.42 10.46
CA VAL A 35 2.75 -4.07 9.14
C VAL A 35 1.45 -3.67 8.47
N CYS A 36 1.53 -3.32 7.19
CA CYS A 36 0.37 -2.82 6.47
C CYS A 36 0.09 -3.66 5.23
N LYS A 37 -1.15 -4.10 5.08
CA LYS A 37 -1.59 -4.76 3.85
C LYS A 37 -2.41 -3.81 2.98
N VAL A 38 -2.13 -3.84 1.68
CA VAL A 38 -2.88 -3.03 0.73
C VAL A 38 -3.46 -3.88 -0.40
N GLU A 39 -4.68 -3.55 -0.81
CA GLU A 39 -5.32 -4.23 -1.93
C GLU A 39 -5.73 -3.26 -3.01
N LEU A 40 -5.34 -3.54 -4.25
CA LEU A 40 -5.77 -2.75 -5.39
C LEU A 40 -5.80 -3.60 -6.66
N LEU A 41 -6.93 -3.55 -7.37
CA LEU A 41 -7.13 -4.39 -8.54
C LEU A 41 -6.94 -5.87 -8.20
N GLU A 42 -7.39 -6.26 -7.01
CA GLU A 42 -7.26 -7.64 -6.56
C GLU A 42 -5.80 -8.06 -6.49
N ILE A 43 -4.91 -7.09 -6.33
CA ILE A 43 -3.50 -7.36 -6.09
C ILE A 43 -3.09 -6.98 -4.68
N GLU A 44 -2.49 -7.93 -3.96
CA GLU A 44 -2.10 -7.71 -2.58
C GLU A 44 -0.63 -7.33 -2.47
N ALA A 45 -0.30 -6.55 -1.45
CA ALA A 45 1.09 -6.36 -1.05
C ALA A 45 1.20 -5.99 0.42
N LEU A 46 2.34 -6.27 1.02
CA LEU A 46 2.61 -5.91 2.40
C LEU A 46 3.68 -4.83 2.49
N GLY A 47 3.62 -4.02 3.54
CA GLY A 47 4.72 -3.14 3.91
C GLY A 47 5.08 -3.29 5.38
N ASN A 48 6.31 -2.94 5.73
CA ASN A 48 6.82 -3.14 7.08
C ASN A 48 7.77 -2.03 7.48
N GLY A 49 7.46 -1.36 8.59
CA GLY A 49 8.27 -0.25 9.07
C GLY A 49 8.03 0.01 10.56
N ARG A 50 8.54 1.13 11.04
CA ARG A 50 8.40 1.48 12.46
C ARG A 50 7.24 2.44 12.67
N SER A 51 6.47 2.67 11.62
CA SER A 51 5.29 3.53 11.71
C SER A 51 4.24 3.13 10.68
N LYS A 52 3.00 3.53 10.91
CA LYS A 52 1.93 3.34 9.94
C LYS A 52 2.24 4.06 8.63
N ARG A 53 2.85 5.23 8.74
CA ARG A 53 3.28 5.98 7.56
C ARG A 53 4.22 5.16 6.70
N ASP A 54 5.28 4.63 7.31
CA ASP A 54 6.28 3.86 6.60
C ASP A 54 5.66 2.63 5.94
N ALA A 55 4.94 1.85 6.73
CA ALA A 55 4.36 0.59 6.26
C ALA A 55 3.38 0.83 5.12
N LYS A 56 2.63 1.92 5.22
CA LYS A 56 1.61 2.24 4.22
C LYS A 56 2.23 2.51 2.86
N HIS A 57 3.26 3.35 2.84
CA HIS A 57 3.91 3.73 1.58
C HIS A 57 4.73 2.57 1.01
N LEU A 58 5.34 1.79 1.90
CA LEU A 58 6.06 0.59 1.50
C LEU A 58 5.13 -0.42 0.85
N ALA A 59 3.96 -0.61 1.46
CA ALA A 59 2.92 -1.46 0.88
C ALA A 59 2.47 -0.92 -0.47
N ALA A 60 2.26 0.38 -0.55
CA ALA A 60 1.86 1.02 -1.80
C ALA A 60 2.93 0.84 -2.87
N SER A 61 4.20 0.93 -2.46
CA SER A 61 5.31 0.78 -3.39
C SER A 61 5.29 -0.58 -4.07
N ASN A 62 5.00 -1.62 -3.30
CA ASN A 62 4.97 -2.98 -3.83
C ASN A 62 3.81 -3.17 -4.81
N ILE A 63 2.75 -2.40 -4.62
CA ILE A 63 1.65 -2.38 -5.56
C ILE A 63 2.04 -1.67 -6.85
N LEU A 64 2.74 -0.55 -6.72
CA LEU A 64 3.18 0.21 -7.88
C LEU A 64 4.07 -0.61 -8.80
N ARG A 65 4.75 -1.60 -8.23
CA ARG A 65 5.65 -2.44 -8.98
C ARG A 65 4.91 -3.59 -9.65
N LYS A 66 3.60 -3.65 -9.43
CA LYS A 66 2.77 -4.71 -9.97
C LYS A 66 1.76 -4.17 -10.97
N ILE A 67 1.05 -3.11 -10.58
CA ILE A 67 -0.07 -2.61 -11.35
C ILE A 67 0.41 -1.89 -12.61
N GLN A 68 1.71 -1.64 -12.69
CA GLN A 68 2.29 -0.94 -13.83
C GLN A 68 3.07 -1.89 -14.72
N LEU A 69 2.80 -3.18 -14.57
CA LEU A 69 3.43 -4.19 -15.42
C LEU A 69 2.54 -4.53 -16.62
N ALA A 6 4.54 7.09 -2.02
CA ALA A 6 4.12 5.93 -2.79
C ALA A 6 2.60 5.89 -2.94
N VAL A 7 1.90 6.17 -1.85
CA VAL A 7 0.44 6.16 -1.86
C VAL A 7 -0.11 7.11 -2.91
N SER A 8 0.47 8.29 -3.00
CA SER A 8 0.00 9.31 -3.94
C SER A 8 0.10 8.82 -5.37
N ALA A 9 1.09 7.97 -5.63
CA ALA A 9 1.29 7.41 -6.97
C ALA A 9 0.11 6.52 -7.36
N LEU A 10 -0.38 5.75 -6.40
CA LEU A 10 -1.55 4.91 -6.62
C LEU A 10 -2.81 5.75 -6.83
N GLN A 11 -2.90 6.86 -6.10
CA GLN A 11 -4.04 7.75 -6.21
C GLN A 11 -4.13 8.37 -7.61
N GLU A 12 -2.98 8.81 -8.12
CA GLU A 12 -2.90 9.32 -9.48
C GLU A 12 -3.24 8.25 -10.50
N PHE A 13 -2.65 7.07 -10.32
CA PHE A 13 -2.96 5.93 -11.18
C PHE A 13 -4.47 5.66 -11.22
N CYS A 14 -5.08 5.60 -10.03
CA CYS A 14 -6.50 5.30 -9.92
C CYS A 14 -7.34 6.38 -10.59
N ALA A 15 -6.92 7.63 -10.43
CA ALA A 15 -7.60 8.76 -11.06
C ALA A 15 -7.54 8.67 -12.58
N ARG A 16 -6.37 8.34 -13.09
CA ARG A 16 -6.16 8.24 -14.54
C ARG A 16 -6.95 7.08 -15.13
N THR A 17 -7.02 5.99 -14.39
CA THR A 17 -7.70 4.79 -14.86
C THR A 17 -9.15 4.75 -14.37
N GLN A 18 -9.51 5.72 -13.55
CA GLN A 18 -10.88 5.84 -13.05
C GLN A 18 -11.32 4.56 -12.35
N ILE A 19 -10.53 4.11 -11.37
CA ILE A 19 -10.89 2.95 -10.58
C ILE A 19 -10.93 3.30 -9.09
N ASN A 20 -11.38 2.35 -8.28
CA ASN A 20 -11.44 2.53 -6.83
C ASN A 20 -10.05 2.75 -6.25
N LEU A 21 -9.97 3.57 -5.20
CA LEU A 21 -8.72 3.79 -4.50
C LEU A 21 -8.30 2.54 -3.72
N PRO A 22 -7.00 2.41 -3.49
CA PRO A 22 -6.47 1.28 -2.73
C PRO A 22 -6.96 1.30 -1.30
N THR A 23 -7.15 0.11 -0.72
CA THR A 23 -7.56 0.00 0.67
C THR A 23 -6.42 -0.51 1.54
N TYR A 24 -6.23 0.12 2.69
CA TYR A 24 -5.13 -0.21 3.58
C TYR A 24 -5.64 -0.74 4.92
N SER A 25 -4.89 -1.66 5.51
CA SER A 25 -5.10 -2.04 6.91
C SER A 25 -3.77 -2.32 7.60
N PHE A 26 -3.77 -2.18 8.93
CA PHE A 26 -2.53 -2.19 9.69
C PHE A 26 -2.61 -3.19 10.84
N ILE A 27 -1.52 -3.92 11.07
CA ILE A 27 -1.36 -4.70 12.29
C ILE A 27 -0.09 -4.30 13.03
N PRO A 28 -0.24 -3.95 14.31
CA PRO A 28 0.90 -3.56 15.13
C PRO A 28 1.76 -4.76 15.48
N GLY A 29 3.05 -4.53 15.66
CA GLY A 29 3.97 -5.58 16.07
C GLY A 29 4.43 -5.38 17.51
N GLU A 30 5.24 -6.32 18.01
CA GLU A 30 5.69 -6.30 19.39
C GLU A 30 6.57 -5.08 19.65
N ASP A 31 7.31 -4.66 18.65
CA ASP A 31 8.29 -3.59 18.80
C ASP A 31 7.67 -2.23 18.57
N GLY A 32 6.35 -2.20 18.45
CA GLY A 32 5.62 -0.94 18.30
C GLY A 32 5.49 -0.55 16.83
N GLY A 33 6.11 -1.35 15.96
CA GLY A 33 6.04 -1.09 14.52
C GLY A 33 4.72 -1.59 13.94
N TYR A 34 4.58 -1.47 12.62
CA TYR A 34 3.35 -1.84 11.94
C TYR A 34 3.64 -2.61 10.66
N VAL A 35 2.81 -3.61 10.38
CA VAL A 35 2.77 -4.21 9.05
C VAL A 35 1.45 -3.89 8.34
N CYS A 36 1.56 -3.32 7.15
CA CYS A 36 0.38 -2.84 6.42
C CYS A 36 0.08 -3.72 5.23
N LYS A 37 -1.20 -3.99 5.00
CA LYS A 37 -1.64 -4.66 3.78
C LYS A 37 -2.43 -3.70 2.89
N VAL A 38 -2.12 -3.72 1.60
CA VAL A 38 -2.84 -2.90 0.62
C VAL A 38 -3.49 -3.77 -0.44
N GLU A 39 -4.73 -3.43 -0.81
CA GLU A 39 -5.45 -4.14 -1.86
C GLU A 39 -5.88 -3.19 -2.96
N LEU A 40 -5.56 -3.54 -4.20
CA LEU A 40 -6.00 -2.77 -5.36
C LEU A 40 -5.97 -3.61 -6.63
N LEU A 41 -7.07 -3.61 -7.37
CA LEU A 41 -7.19 -4.41 -8.58
C LEU A 41 -6.90 -5.88 -8.29
N GLU A 42 -7.38 -6.37 -7.15
CA GLU A 42 -7.20 -7.76 -6.78
C GLU A 42 -5.74 -8.12 -6.67
N ILE A 43 -4.90 -7.12 -6.39
CA ILE A 43 -3.50 -7.37 -6.06
C ILE A 43 -3.22 -7.04 -4.59
N GLU A 44 -2.50 -7.93 -3.93
CA GLU A 44 -2.13 -7.73 -2.54
C GLU A 44 -0.64 -7.42 -2.40
N ALA A 45 -0.30 -6.58 -1.43
CA ALA A 45 1.09 -6.37 -1.04
C ALA A 45 1.20 -5.98 0.42
N LEU A 46 2.33 -6.29 1.04
CA LEU A 46 2.58 -5.92 2.43
C LEU A 46 3.68 -4.87 2.53
N GLY A 47 3.63 -4.08 3.60
CA GLY A 47 4.75 -3.21 3.96
C GLY A 47 5.05 -3.30 5.45
N ASN A 48 6.31 -3.04 5.81
CA ASN A 48 6.76 -3.22 7.18
C ASN A 48 7.70 -2.11 7.60
N GLY A 49 7.27 -1.28 8.54
CA GLY A 49 8.04 -0.12 8.97
C GLY A 49 7.84 0.15 10.46
N ARG A 50 8.26 1.33 10.90
CA ARG A 50 8.24 1.67 12.31
C ARG A 50 6.97 2.45 12.67
N SER A 51 6.10 2.65 11.67
CA SER A 51 4.87 3.40 11.86
C SER A 51 3.85 3.06 10.78
N LYS A 52 2.60 3.48 11.01
CA LYS A 52 1.57 3.37 9.99
C LYS A 52 1.96 4.11 8.72
N ARG A 53 2.59 5.27 8.88
CA ARG A 53 3.10 6.04 7.75
C ARG A 53 4.05 5.20 6.91
N ASP A 54 5.09 4.67 7.55
CA ASP A 54 6.08 3.87 6.85
C ASP A 54 5.45 2.70 6.12
N ALA A 55 4.71 1.87 6.85
CA ALA A 55 4.17 0.63 6.31
C ALA A 55 3.21 0.90 5.17
N LYS A 56 2.44 1.97 5.28
CA LYS A 56 1.45 2.32 4.28
C LYS A 56 2.11 2.58 2.92
N HIS A 57 3.16 3.38 2.93
CA HIS A 57 3.85 3.75 1.69
C HIS A 57 4.67 2.58 1.16
N LEU A 58 5.23 1.79 2.07
CA LEU A 58 5.97 0.60 1.71
C LEU A 58 5.06 -0.41 1.01
N ALA A 59 3.88 -0.64 1.58
CA ALA A 59 2.88 -1.49 0.95
C ALA A 59 2.43 -0.92 -0.39
N ALA A 60 2.23 0.39 -0.44
CA ALA A 60 1.84 1.07 -1.66
C ALA A 60 2.91 0.91 -2.73
N SER A 61 4.17 1.00 -2.32
CA SER A 61 5.29 0.87 -3.24
C SER A 61 5.31 -0.50 -3.91
N ASN A 62 5.05 -1.53 -3.11
CA ASN A 62 5.12 -2.91 -3.60
C ASN A 62 4.02 -3.20 -4.61
N ILE A 63 2.79 -2.85 -4.25
CA ILE A 63 1.64 -3.06 -5.11
C ILE A 63 1.71 -2.18 -6.36
N LEU A 64 2.28 -0.99 -6.20
CA LEU A 64 2.50 -0.09 -7.32
C LEU A 64 3.37 -0.74 -8.39
N ARG A 65 4.49 -1.33 -7.95
CA ARG A 65 5.39 -2.02 -8.87
C ARG A 65 4.70 -3.19 -9.57
N LYS A 66 3.87 -3.90 -8.81
CA LYS A 66 3.13 -5.04 -9.36
C LYS A 66 2.18 -4.59 -10.45
N ILE A 67 1.66 -3.37 -10.32
CA ILE A 67 0.74 -2.82 -11.32
C ILE A 67 1.50 -2.25 -12.51
N GLN A 68 2.55 -1.49 -12.22
CA GLN A 68 3.29 -0.77 -13.26
C GLN A 68 4.08 -1.73 -14.13
N LEU A 69 4.67 -2.76 -13.50
CA LEU A 69 5.63 -3.62 -14.18
C LEU A 69 4.97 -4.92 -14.63
N ALA A 6 4.55 7.46 -1.75
CA ALA A 6 4.13 6.32 -2.56
C ALA A 6 2.62 6.25 -2.69
N VAL A 7 1.92 6.53 -1.59
CA VAL A 7 0.46 6.47 -1.57
C VAL A 7 -0.14 7.40 -2.60
N SER A 8 0.35 8.64 -2.64
CA SER A 8 -0.16 9.64 -3.58
C SER A 8 0.08 9.21 -5.01
N ALA A 9 1.15 8.46 -5.24
CA ALA A 9 1.46 7.95 -6.57
C ALA A 9 0.48 6.86 -6.98
N LEU A 10 0.11 6.01 -6.03
CA LEU A 10 -0.85 4.95 -6.29
C LEU A 10 -2.26 5.52 -6.50
N GLN A 11 -2.61 6.51 -5.68
CA GLN A 11 -3.91 7.19 -5.81
C GLN A 11 -4.00 7.95 -7.12
N GLU A 12 -2.91 8.61 -7.50
CA GLU A 12 -2.82 9.27 -8.79
C GLU A 12 -2.93 8.27 -9.93
N PHE A 13 -2.21 7.15 -9.81
CA PHE A 13 -2.30 6.06 -10.77
C PHE A 13 -3.76 5.63 -10.95
N CYS A 14 -4.46 5.43 -9.84
CA CYS A 14 -5.85 5.00 -9.89
C CYS A 14 -6.72 6.03 -10.61
N ALA A 15 -6.45 7.31 -10.35
CA ALA A 15 -7.18 8.39 -10.99
C ALA A 15 -6.95 8.39 -12.50
N ARG A 16 -5.69 8.22 -12.89
CA ARG A 16 -5.32 8.25 -14.30
C ARG A 16 -5.90 7.05 -15.05
N THR A 17 -5.95 5.90 -14.38
CA THR A 17 -6.45 4.68 -14.99
C THR A 17 -7.94 4.50 -14.69
N GLN A 18 -8.51 5.42 -13.93
CA GLN A 18 -9.93 5.40 -13.61
C GLN A 18 -10.34 4.07 -12.99
N ILE A 19 -9.64 3.68 -11.94
CA ILE A 19 -9.99 2.49 -11.18
C ILE A 19 -10.24 2.82 -9.71
N ASN A 20 -10.69 1.83 -8.95
CA ASN A 20 -10.96 2.02 -7.52
C ASN A 20 -9.69 2.42 -6.77
N LEU A 21 -9.87 3.14 -5.67
CA LEU A 21 -8.77 3.47 -4.78
C LEU A 21 -8.35 2.27 -3.94
N PRO A 22 -7.08 2.24 -3.55
CA PRO A 22 -6.57 1.15 -2.73
C PRO A 22 -7.16 1.16 -1.33
N THR A 23 -7.25 -0.01 -0.71
CA THR A 23 -7.65 -0.11 0.69
C THR A 23 -6.50 -0.62 1.55
N TYR A 24 -6.31 0.03 2.70
CA TYR A 24 -5.19 -0.30 3.58
C TYR A 24 -5.68 -0.89 4.89
N SER A 25 -4.90 -1.82 5.44
CA SER A 25 -5.17 -2.35 6.77
C SER A 25 -3.88 -2.57 7.55
N PHE A 26 -3.87 -2.14 8.81
CA PHE A 26 -2.64 -2.09 9.59
C PHE A 26 -2.67 -3.08 10.74
N ILE A 27 -1.57 -3.78 10.95
CA ILE A 27 -1.38 -4.61 12.13
C ILE A 27 -0.11 -4.25 12.87
N PRO A 28 -0.22 -3.97 14.17
CA PRO A 28 0.94 -3.65 15.00
C PRO A 28 1.80 -4.89 15.23
N GLY A 29 3.10 -4.69 15.36
CA GLY A 29 4.03 -5.77 15.64
C GLY A 29 4.37 -5.83 17.13
N GLU A 30 5.34 -6.66 17.48
CA GLU A 30 5.76 -6.82 18.87
C GLU A 30 6.85 -5.81 19.22
N ASP A 31 7.56 -5.33 18.21
CA ASP A 31 8.68 -4.40 18.42
C ASP A 31 8.22 -2.96 18.35
N GLY A 32 6.90 -2.76 18.29
CA GLY A 32 6.34 -1.42 18.25
C GLY A 32 6.14 -0.95 16.82
N GLY A 33 6.64 -1.74 15.87
CA GLY A 33 6.53 -1.40 14.45
C GLY A 33 5.17 -1.81 13.90
N TYR A 34 4.99 -1.64 12.59
CA TYR A 34 3.72 -1.93 11.94
C TYR A 34 3.94 -2.69 10.64
N VAL A 35 2.98 -3.53 10.28
CA VAL A 35 2.86 -4.04 8.92
C VAL A 35 1.53 -3.64 8.30
N CYS A 36 1.58 -3.17 7.06
CA CYS A 36 0.39 -2.70 6.36
C CYS A 36 0.10 -3.56 5.13
N LYS A 37 -1.15 -4.00 5.00
CA LYS A 37 -1.61 -4.67 3.79
C LYS A 37 -2.43 -3.74 2.92
N VAL A 38 -2.15 -3.74 1.62
CA VAL A 38 -2.91 -2.94 0.66
C VAL A 38 -3.56 -3.83 -0.39
N GLU A 39 -4.81 -3.54 -0.72
CA GLU A 39 -5.54 -4.29 -1.73
C GLU A 39 -6.01 -3.40 -2.86
N LEU A 40 -5.74 -3.80 -4.09
CA LEU A 40 -6.21 -3.08 -5.27
C LEU A 40 -6.27 -3.97 -6.49
N LEU A 41 -7.43 -4.03 -7.13
CA LEU A 41 -7.62 -4.91 -8.28
C LEU A 41 -7.26 -6.35 -7.95
N GLU A 42 -7.62 -6.78 -6.75
CA GLU A 42 -7.36 -8.15 -6.32
C GLU A 42 -5.87 -8.44 -6.29
N ILE A 43 -5.06 -7.40 -6.20
CA ILE A 43 -3.64 -7.55 -5.94
C ILE A 43 -3.30 -7.19 -4.50
N GLU A 44 -2.48 -8.02 -3.86
CA GLU A 44 -2.08 -7.79 -2.48
C GLU A 44 -0.61 -7.41 -2.39
N ALA A 45 -0.29 -6.54 -1.44
CA ALA A 45 1.10 -6.28 -1.08
C ALA A 45 1.22 -5.87 0.38
N LEU A 46 2.39 -6.14 0.97
CA LEU A 46 2.66 -5.74 2.34
C LEU A 46 3.74 -4.66 2.40
N GLY A 47 3.69 -3.84 3.45
CA GLY A 47 4.81 -2.96 3.78
C GLY A 47 5.16 -3.07 5.27
N ASN A 48 6.44 -2.87 5.58
CA ASN A 48 6.92 -3.05 6.94
C ASN A 48 7.83 -1.89 7.35
N GLY A 49 7.50 -1.27 8.48
CA GLY A 49 8.28 -0.13 8.97
C GLY A 49 8.04 0.09 10.46
N ARG A 50 8.41 1.27 10.94
CA ARG A 50 8.32 1.58 12.36
C ARG A 50 7.08 2.40 12.67
N SER A 51 6.24 2.60 11.67
CA SER A 51 5.03 3.39 11.82
C SER A 51 3.99 3.03 10.76
N LYS A 52 2.75 3.44 10.98
CA LYS A 52 1.71 3.32 9.97
C LYS A 52 2.07 4.08 8.71
N ARG A 53 2.71 5.24 8.88
CA ARG A 53 3.21 6.02 7.76
C ARG A 53 4.14 5.20 6.89
N ASP A 54 5.19 4.65 7.50
CA ASP A 54 6.18 3.86 6.78
C ASP A 54 5.53 2.72 6.01
N ALA A 55 4.76 1.90 6.72
CA ALA A 55 4.22 0.68 6.15
C ALA A 55 3.24 0.98 5.02
N LYS A 56 2.46 2.04 5.19
CA LYS A 56 1.44 2.42 4.22
C LYS A 56 2.07 2.73 2.87
N HIS A 57 3.11 3.55 2.88
CA HIS A 57 3.77 3.96 1.65
C HIS A 57 4.53 2.80 1.01
N LEU A 58 5.17 1.98 1.85
CA LEU A 58 5.89 0.81 1.37
C LEU A 58 4.94 -0.17 0.69
N ALA A 59 3.79 -0.40 1.31
CA ALA A 59 2.76 -1.26 0.73
C ALA A 59 2.24 -0.68 -0.59
N ALA A 60 1.99 0.63 -0.60
CA ALA A 60 1.49 1.30 -1.79
C ALA A 60 2.47 1.18 -2.95
N SER A 61 3.75 1.34 -2.65
CA SER A 61 4.79 1.23 -3.67
C SER A 61 4.82 -0.16 -4.28
N ASN A 62 4.74 -1.18 -3.44
CA ASN A 62 4.86 -2.56 -3.89
C ASN A 62 3.71 -2.92 -4.83
N ILE A 63 2.49 -2.62 -4.42
CA ILE A 63 1.31 -2.96 -5.21
C ILE A 63 1.24 -2.13 -6.48
N LEU A 64 1.74 -0.90 -6.41
CA LEU A 64 1.81 -0.03 -7.58
C LEU A 64 2.63 -0.69 -8.69
N ARG A 65 3.81 -1.19 -8.33
CA ARG A 65 4.67 -1.86 -9.30
C ARG A 65 4.00 -3.08 -9.90
N LYS A 66 3.31 -3.84 -9.06
CA LYS A 66 2.66 -5.07 -9.50
C LYS A 66 1.61 -4.79 -10.56
N ILE A 67 0.92 -3.66 -10.42
CA ILE A 67 -0.18 -3.31 -11.32
C ILE A 67 0.31 -2.45 -12.48
N GLN A 68 1.23 -1.53 -12.19
CA GLN A 68 1.63 -0.51 -13.16
C GLN A 68 2.62 -1.07 -14.17
N LEU A 69 3.54 -1.90 -13.69
CA LEU A 69 4.67 -2.33 -14.51
C LEU A 69 4.45 -3.75 -15.05
N ALA A 6 4.68 7.27 -1.92
CA ALA A 6 4.18 6.14 -2.72
C ALA A 6 2.67 6.20 -2.85
N VAL A 7 1.99 6.46 -1.74
CA VAL A 7 0.54 6.47 -1.71
C VAL A 7 -0.03 7.44 -2.74
N SER A 8 0.52 8.64 -2.77
CA SER A 8 0.06 9.67 -3.69
C SER A 8 0.19 9.22 -5.14
N ALA A 9 1.30 8.56 -5.46
CA ALA A 9 1.55 8.06 -6.81
C ALA A 9 0.51 7.02 -7.21
N LEU A 10 0.15 6.16 -6.27
CA LEU A 10 -0.83 5.11 -6.52
C LEU A 10 -2.23 5.70 -6.67
N GLN A 11 -2.56 6.66 -5.81
CA GLN A 11 -3.84 7.34 -5.88
C GLN A 11 -4.00 8.12 -7.18
N GLU A 12 -2.92 8.80 -7.59
CA GLU A 12 -2.89 9.49 -8.87
C GLU A 12 -3.08 8.51 -10.03
N PHE A 13 -2.33 7.41 -9.98
CA PHE A 13 -2.49 6.34 -10.95
C PHE A 13 -3.94 5.89 -11.05
N CYS A 14 -4.56 5.64 -9.89
CA CYS A 14 -5.94 5.18 -9.84
C CYS A 14 -6.88 6.20 -10.48
N ALA A 15 -6.64 7.47 -10.20
CA ALA A 15 -7.45 8.55 -10.78
C ALA A 15 -7.30 8.60 -12.29
N ARG A 16 -6.06 8.49 -12.76
CA ARG A 16 -5.78 8.56 -14.20
C ARG A 16 -6.39 7.37 -14.94
N THR A 17 -6.37 6.22 -14.30
CA THR A 17 -6.89 5.00 -14.90
C THR A 17 -8.37 4.80 -14.55
N GLN A 18 -8.89 5.68 -13.72
CA GLN A 18 -10.30 5.63 -13.35
C GLN A 18 -10.66 4.28 -12.76
N ILE A 19 -9.91 3.86 -11.74
CA ILE A 19 -10.21 2.63 -11.02
C ILE A 19 -10.44 2.91 -9.53
N ASN A 20 -10.88 1.88 -8.81
CA ASN A 20 -11.08 2.00 -7.37
C ASN A 20 -9.79 2.35 -6.65
N LEU A 21 -9.92 3.06 -5.53
CA LEU A 21 -8.77 3.36 -4.68
C LEU A 21 -8.38 2.15 -3.84
N PRO A 22 -7.10 2.07 -3.49
CA PRO A 22 -6.59 0.97 -2.69
C PRO A 22 -7.17 1.01 -1.28
N THR A 23 -7.33 -0.17 -0.68
CA THR A 23 -7.79 -0.27 0.70
C THR A 23 -6.66 -0.67 1.63
N TYR A 24 -6.53 0.05 2.74
CA TYR A 24 -5.41 -0.15 3.65
C TYR A 24 -5.86 -0.82 4.94
N SER A 25 -5.01 -1.67 5.49
CA SER A 25 -5.23 -2.23 6.83
C SER A 25 -3.92 -2.45 7.56
N PHE A 26 -3.89 -2.09 8.83
CA PHE A 26 -2.65 -2.12 9.61
C PHE A 26 -2.75 -3.11 10.77
N ILE A 27 -1.66 -3.80 11.05
CA ILE A 27 -1.55 -4.62 12.25
C ILE A 27 -0.24 -4.35 12.97
N PRO A 28 -0.24 -4.58 14.29
CA PRO A 28 0.98 -4.50 15.08
C PRO A 28 2.07 -5.39 14.52
N GLY A 29 3.30 -4.88 14.48
CA GLY A 29 4.44 -5.66 14.04
C GLY A 29 5.04 -6.47 15.17
N GLU A 30 5.70 -7.57 14.83
CA GLU A 30 6.31 -8.45 15.82
C GLU A 30 7.38 -7.72 16.62
N ASP A 31 8.06 -6.78 15.98
CA ASP A 31 9.16 -6.06 16.60
C ASP A 31 8.68 -4.76 17.24
N GLY A 32 7.37 -4.61 17.35
CA GLY A 32 6.78 -3.43 17.96
C GLY A 32 6.50 -2.35 16.92
N GLY A 33 6.85 -2.64 15.67
CA GLY A 33 6.60 -1.72 14.57
C GLY A 33 5.19 -1.92 14.01
N TYR A 34 5.04 -1.63 12.71
CA TYR A 34 3.74 -1.73 12.06
C TYR A 34 3.85 -2.46 10.73
N VAL A 35 2.84 -3.28 10.43
CA VAL A 35 2.75 -3.93 9.12
C VAL A 35 1.45 -3.56 8.42
N CYS A 36 1.56 -3.11 7.18
CA CYS A 36 0.39 -2.69 6.41
C CYS A 36 0.10 -3.66 5.27
N LYS A 37 -1.17 -4.00 5.10
CA LYS A 37 -1.62 -4.70 3.91
C LYS A 37 -2.49 -3.80 3.03
N VAL A 38 -2.26 -3.83 1.73
CA VAL A 38 -3.06 -3.06 0.79
C VAL A 38 -3.64 -3.96 -0.31
N GLU A 39 -4.90 -3.74 -0.62
CA GLU A 39 -5.57 -4.48 -1.69
C GLU A 39 -6.04 -3.55 -2.80
N LEU A 40 -5.68 -3.89 -4.03
CA LEU A 40 -6.13 -3.14 -5.19
C LEU A 40 -6.07 -3.98 -6.46
N LEU A 41 -7.17 -3.99 -7.20
CA LEU A 41 -7.25 -4.79 -8.42
C LEU A 41 -6.92 -6.26 -8.15
N GLU A 42 -7.38 -6.75 -7.00
CA GLU A 42 -7.14 -8.14 -6.61
C GLU A 42 -5.65 -8.42 -6.49
N ILE A 43 -4.88 -7.38 -6.23
CA ILE A 43 -3.46 -7.54 -5.92
C ILE A 43 -3.18 -7.21 -4.46
N GLU A 44 -2.48 -8.11 -3.78
CA GLU A 44 -2.09 -7.88 -2.39
C GLU A 44 -0.60 -7.52 -2.30
N ALA A 45 -0.28 -6.66 -1.34
CA ALA A 45 1.12 -6.43 -0.97
C ALA A 45 1.23 -5.96 0.48
N LEU A 46 2.39 -6.23 1.09
CA LEU A 46 2.63 -5.80 2.46
C LEU A 46 3.69 -4.71 2.53
N GLY A 47 3.62 -3.89 3.57
CA GLY A 47 4.72 -3.00 3.91
C GLY A 47 5.08 -3.11 5.39
N ASN A 48 6.32 -2.78 5.72
CA ASN A 48 6.84 -3.01 7.06
C ASN A 48 7.78 -1.88 7.47
N GLY A 49 7.46 -1.22 8.58
CA GLY A 49 8.28 -0.13 9.09
C GLY A 49 8.00 0.11 10.57
N ARG A 50 8.53 1.21 11.10
CA ARG A 50 8.38 1.54 12.51
C ARG A 50 7.20 2.47 12.73
N SER A 51 6.45 2.73 11.67
CA SER A 51 5.26 3.57 11.75
C SER A 51 4.22 3.16 10.71
N LYS A 52 2.97 3.54 10.95
CA LYS A 52 1.91 3.35 9.97
C LYS A 52 2.22 4.09 8.68
N ARG A 53 2.82 5.26 8.80
CA ARG A 53 3.24 6.04 7.64
C ARG A 53 4.18 5.23 6.75
N ASP A 54 5.24 4.70 7.34
CA ASP A 54 6.24 3.94 6.60
C ASP A 54 5.61 2.74 5.91
N ALA A 55 4.89 1.92 6.68
CA ALA A 55 4.29 0.70 6.15
C ALA A 55 3.29 1.01 5.06
N LYS A 56 2.54 2.10 5.22
CA LYS A 56 1.51 2.48 4.27
C LYS A 56 2.11 2.73 2.89
N HIS A 57 3.18 3.53 2.86
CA HIS A 57 3.82 3.89 1.59
C HIS A 57 4.54 2.70 0.98
N LEU A 58 5.19 1.91 1.82
CA LEU A 58 5.91 0.73 1.36
C LEU A 58 4.98 -0.26 0.67
N ALA A 59 3.83 -0.50 1.28
CA ALA A 59 2.82 -1.38 0.70
C ALA A 59 2.27 -0.81 -0.60
N ALA A 60 1.96 0.49 -0.59
CA ALA A 60 1.40 1.16 -1.76
C ALA A 60 2.35 1.08 -2.94
N SER A 61 3.64 1.22 -2.68
CA SER A 61 4.66 1.09 -3.71
C SER A 61 4.65 -0.30 -4.32
N ASN A 62 4.58 -1.32 -3.47
CA ASN A 62 4.59 -2.70 -3.91
C ASN A 62 3.36 -3.02 -4.77
N ILE A 63 2.24 -2.38 -4.42
CA ILE A 63 1.02 -2.50 -5.21
C ILE A 63 1.20 -1.91 -6.60
N LEU A 64 1.60 -0.64 -6.64
CA LEU A 64 1.79 0.04 -7.92
C LEU A 64 2.76 -0.71 -8.82
N ARG A 65 3.87 -1.17 -8.23
CA ARG A 65 4.85 -1.94 -8.98
C ARG A 65 4.23 -3.15 -9.65
N LYS A 66 3.51 -3.95 -8.88
CA LYS A 66 2.89 -5.17 -9.38
C LYS A 66 1.91 -4.86 -10.51
N ILE A 67 1.22 -3.73 -10.39
CA ILE A 67 0.28 -3.29 -11.42
C ILE A 67 1.01 -2.90 -12.70
N GLN A 68 2.09 -2.16 -12.55
CA GLN A 68 2.84 -1.65 -13.69
C GLN A 68 3.52 -2.79 -14.46
N LEU A 69 3.99 -3.78 -13.71
CA LEU A 69 4.71 -4.91 -14.31
C LEU A 69 3.78 -5.77 -15.17
N ALA A 6 4.61 7.05 -2.05
CA ALA A 6 4.12 5.89 -2.79
C ALA A 6 2.60 5.89 -2.87
N VAL A 7 1.96 6.27 -1.78
CA VAL A 7 0.49 6.31 -1.73
C VAL A 7 -0.06 7.22 -2.82
N SER A 8 0.53 8.40 -2.96
CA SER A 8 0.07 9.38 -3.94
C SER A 8 0.18 8.83 -5.36
N ALA A 9 1.15 7.95 -5.57
CA ALA A 9 1.37 7.35 -6.88
C ALA A 9 0.19 6.46 -7.28
N LEU A 10 -0.33 5.71 -6.32
CA LEU A 10 -1.50 4.88 -6.54
C LEU A 10 -2.75 5.72 -6.77
N GLN A 11 -2.85 6.83 -6.04
CA GLN A 11 -3.99 7.73 -6.17
C GLN A 11 -4.05 8.35 -7.57
N GLU A 12 -2.90 8.75 -8.07
CA GLU A 12 -2.80 9.25 -9.45
C GLU A 12 -3.13 8.16 -10.45
N PHE A 13 -2.55 6.98 -10.25
CA PHE A 13 -2.84 5.82 -11.10
C PHE A 13 -4.34 5.55 -11.16
N CYS A 14 -4.97 5.49 -10.01
CA CYS A 14 -6.40 5.21 -9.93
C CYS A 14 -7.22 6.29 -10.63
N ALA A 15 -6.80 7.54 -10.46
CA ALA A 15 -7.47 8.66 -11.11
C ALA A 15 -7.37 8.56 -12.62
N ARG A 16 -6.18 8.23 -13.11
CA ARG A 16 -5.94 8.14 -14.55
C ARG A 16 -6.71 6.98 -15.16
N THR A 17 -6.78 5.88 -14.43
CA THR A 17 -7.44 4.67 -14.91
C THR A 17 -8.90 4.63 -14.47
N GLN A 18 -9.29 5.61 -13.66
CA GLN A 18 -10.67 5.71 -13.20
C GLN A 18 -11.13 4.43 -12.51
N ILE A 19 -10.35 4.01 -11.51
CA ILE A 19 -10.72 2.84 -10.71
C ILE A 19 -10.80 3.20 -9.23
N ASN A 20 -11.24 2.24 -8.42
CA ASN A 20 -11.33 2.44 -6.97
C ASN A 20 -9.94 2.70 -6.37
N LEU A 21 -9.91 3.48 -5.30
CA LEU A 21 -8.69 3.70 -4.55
C LEU A 21 -8.28 2.45 -3.77
N PRO A 22 -6.98 2.32 -3.50
CA PRO A 22 -6.48 1.18 -2.75
C PRO A 22 -7.02 1.17 -1.32
N THR A 23 -7.20 -0.02 -0.77
CA THR A 23 -7.66 -0.18 0.60
C THR A 23 -6.53 -0.58 1.52
N TYR A 24 -6.44 0.09 2.67
CA TYR A 24 -5.34 -0.13 3.60
C TYR A 24 -5.82 -0.78 4.88
N SER A 25 -4.98 -1.66 5.44
CA SER A 25 -5.24 -2.24 6.76
C SER A 25 -3.95 -2.42 7.54
N PHE A 26 -3.95 -1.96 8.79
CA PHE A 26 -2.73 -1.91 9.58
C PHE A 26 -2.82 -2.86 10.78
N ILE A 27 -1.74 -3.60 11.01
CA ILE A 27 -1.62 -4.41 12.21
C ILE A 27 -0.35 -4.09 12.98
N PRO A 28 -0.50 -3.79 14.27
CA PRO A 28 0.65 -3.51 15.13
C PRO A 28 1.46 -4.76 15.41
N GLY A 29 2.76 -4.58 15.56
CA GLY A 29 3.66 -5.70 15.89
C GLY A 29 3.97 -5.73 17.38
N GLU A 30 4.92 -6.57 17.76
CA GLU A 30 5.32 -6.71 19.15
C GLU A 30 6.39 -5.70 19.53
N ASP A 31 7.14 -5.25 18.52
CA ASP A 31 8.25 -4.33 18.75
C ASP A 31 7.81 -2.88 18.63
N GLY A 32 6.50 -2.68 18.54
CA GLY A 32 5.94 -1.34 18.47
C GLY A 32 5.79 -0.88 17.02
N GLY A 33 6.30 -1.68 16.09
CA GLY A 33 6.23 -1.36 14.67
C GLY A 33 4.88 -1.76 14.08
N TYR A 34 4.74 -1.60 12.77
CA TYR A 34 3.49 -1.89 12.10
C TYR A 34 3.73 -2.65 10.80
N VAL A 35 2.76 -3.50 10.43
CA VAL A 35 2.68 -4.02 9.08
C VAL A 35 1.37 -3.60 8.40
N CYS A 36 1.47 -3.15 7.16
CA CYS A 36 0.30 -2.70 6.40
C CYS A 36 0.03 -3.63 5.21
N LYS A 37 -1.23 -4.00 5.05
CA LYS A 37 -1.68 -4.66 3.82
C LYS A 37 -2.46 -3.70 2.93
N VAL A 38 -2.16 -3.72 1.64
CA VAL A 38 -2.87 -2.91 0.67
C VAL A 38 -3.46 -3.77 -0.44
N GLU A 39 -4.71 -3.50 -0.79
CA GLU A 39 -5.39 -4.21 -1.87
C GLU A 39 -5.82 -3.26 -2.98
N LEU A 40 -5.42 -3.58 -4.21
CA LEU A 40 -5.84 -2.81 -5.37
C LEU A 40 -5.80 -3.66 -6.64
N LEU A 41 -6.90 -3.67 -7.37
CA LEU A 41 -7.01 -4.49 -8.57
C LEU A 41 -6.70 -5.95 -8.28
N GLU A 42 -7.16 -6.42 -7.13
CA GLU A 42 -6.94 -7.80 -6.73
C GLU A 42 -5.46 -8.12 -6.60
N ILE A 43 -4.65 -7.08 -6.36
CA ILE A 43 -3.25 -7.24 -6.03
C ILE A 43 -3.00 -6.97 -4.55
N GLU A 44 -2.36 -7.92 -3.88
CA GLU A 44 -2.01 -7.76 -2.47
C GLU A 44 -0.52 -7.48 -2.31
N ALA A 45 -0.17 -6.68 -1.31
CA ALA A 45 1.21 -6.53 -0.88
C ALA A 45 1.30 -6.05 0.56
N LEU A 46 2.40 -6.38 1.22
CA LEU A 46 2.64 -5.93 2.59
C LEU A 46 3.75 -4.90 2.64
N GLY A 47 3.72 -4.06 3.67
CA GLY A 47 4.86 -3.21 4.00
C GLY A 47 5.14 -3.21 5.50
N ASN A 48 6.41 -3.03 5.86
CA ASN A 48 6.82 -3.14 7.25
C ASN A 48 7.73 -1.99 7.65
N GLY A 49 7.44 -1.38 8.78
CA GLY A 49 8.24 -0.25 9.28
C GLY A 49 7.94 0.02 10.74
N ARG A 50 8.34 1.20 11.21
CA ARG A 50 8.22 1.55 12.63
C ARG A 50 6.98 2.40 12.88
N SER A 51 6.17 2.58 11.85
CA SER A 51 4.96 3.39 11.95
C SER A 51 3.95 3.03 10.86
N LYS A 52 2.72 3.46 11.05
CA LYS A 52 1.70 3.34 10.01
C LYS A 52 2.12 4.09 8.74
N ARG A 53 2.77 5.24 8.93
CA ARG A 53 3.29 6.00 7.80
C ARG A 53 4.23 5.15 6.96
N ASP A 54 5.24 4.57 7.61
CA ASP A 54 6.23 3.76 6.92
C ASP A 54 5.56 2.63 6.13
N ALA A 55 4.78 1.81 6.83
CA ALA A 55 4.21 0.61 6.25
C ALA A 55 3.24 0.95 5.11
N LYS A 56 2.51 2.05 5.29
CA LYS A 56 1.51 2.46 4.31
C LYS A 56 2.15 2.68 2.94
N HIS A 57 3.21 3.47 2.91
CA HIS A 57 3.88 3.81 1.65
C HIS A 57 4.65 2.62 1.09
N LEU A 58 5.27 1.86 1.98
CA LEU A 58 6.04 0.69 1.57
C LEU A 58 5.16 -0.34 0.87
N ALA A 59 4.00 -0.60 1.46
CA ALA A 59 3.03 -1.50 0.85
C ALA A 59 2.50 -0.94 -0.47
N ALA A 60 2.21 0.36 -0.47
CA ALA A 60 1.71 1.02 -1.68
C ALA A 60 2.71 0.90 -2.82
N SER A 61 3.99 1.03 -2.50
CA SER A 61 5.05 0.89 -3.49
C SER A 61 5.05 -0.51 -4.10
N ASN A 62 4.92 -1.52 -3.25
CA ASN A 62 4.91 -2.90 -3.71
C ASN A 62 3.72 -3.18 -4.61
N ILE A 63 2.60 -2.53 -4.32
CA ILE A 63 1.42 -2.61 -5.17
C ILE A 63 1.69 -1.98 -6.53
N LEU A 64 2.19 -0.75 -6.53
CA LEU A 64 2.49 -0.03 -7.76
C LEU A 64 3.41 -0.85 -8.66
N ARG A 65 4.45 -1.43 -8.06
CA ARG A 65 5.43 -2.20 -8.80
C ARG A 65 4.78 -3.40 -9.49
N LYS A 66 3.94 -4.12 -8.75
CA LYS A 66 3.25 -5.28 -9.30
C LYS A 66 2.32 -4.88 -10.43
N ILE A 67 1.75 -3.69 -10.33
CA ILE A 67 0.91 -3.15 -11.39
C ILE A 67 1.73 -2.81 -12.63
N GLN A 68 2.89 -2.18 -12.41
CA GLN A 68 3.75 -1.76 -13.51
C GLN A 68 4.28 -2.95 -14.28
N LEU A 69 4.62 -4.01 -13.56
CA LEU A 69 5.23 -5.19 -14.17
C LEU A 69 4.21 -5.99 -14.96
N ALA A 6 4.59 7.04 -2.12
CA ALA A 6 4.15 5.90 -2.90
C ALA A 6 2.62 5.87 -3.01
N VAL A 7 1.94 6.18 -1.91
CA VAL A 7 0.48 6.18 -1.89
C VAL A 7 -0.08 7.12 -2.93
N SER A 8 0.50 8.31 -3.03
CA SER A 8 0.03 9.31 -3.98
C SER A 8 0.12 8.82 -5.41
N ALA A 9 1.10 7.96 -5.68
CA ALA A 9 1.29 7.39 -7.00
C ALA A 9 0.12 6.50 -7.38
N LEU A 10 -0.39 5.74 -6.42
CA LEU A 10 -1.56 4.91 -6.63
C LEU A 10 -2.81 5.75 -6.85
N GLN A 11 -2.89 6.86 -6.13
CA GLN A 11 -4.03 7.77 -6.26
C GLN A 11 -4.10 8.38 -7.65
N GLU A 12 -2.95 8.80 -8.17
CA GLU A 12 -2.86 9.30 -9.53
C GLU A 12 -3.21 8.22 -10.54
N PHE A 13 -2.62 7.04 -10.36
CA PHE A 13 -2.93 5.88 -11.21
C PHE A 13 -4.42 5.62 -11.25
N CYS A 14 -5.05 5.58 -10.08
CA CYS A 14 -6.47 5.28 -9.98
C CYS A 14 -7.31 6.36 -10.66
N ALA A 15 -6.88 7.61 -10.52
CA ALA A 15 -7.56 8.73 -11.17
C ALA A 15 -7.48 8.61 -12.69
N ARG A 16 -6.29 8.27 -13.19
CA ARG A 16 -6.07 8.16 -14.62
C ARG A 16 -6.84 6.98 -15.20
N THR A 17 -6.92 5.90 -14.45
CA THR A 17 -7.58 4.68 -14.91
C THR A 17 -9.03 4.64 -14.44
N GLN A 18 -9.42 5.62 -13.63
CA GLN A 18 -10.79 5.72 -13.15
C GLN A 18 -11.23 4.44 -12.44
N ILE A 19 -10.45 4.02 -11.46
CA ILE A 19 -10.79 2.86 -10.64
C ILE A 19 -10.86 3.22 -9.17
N ASN A 20 -11.31 2.27 -8.35
CA ASN A 20 -11.39 2.47 -6.91
C ASN A 20 -10.00 2.69 -6.31
N LEU A 21 -9.95 3.51 -5.27
CA LEU A 21 -8.70 3.73 -4.54
C LEU A 21 -8.28 2.48 -3.76
N PRO A 22 -6.99 2.35 -3.52
CA PRO A 22 -6.46 1.21 -2.77
C PRO A 22 -6.95 1.21 -1.35
N THR A 23 -7.13 0.02 -0.78
CA THR A 23 -7.54 -0.12 0.61
C THR A 23 -6.39 -0.63 1.47
N TYR A 24 -6.21 -0.01 2.63
CA TYR A 24 -5.11 -0.35 3.52
C TYR A 24 -5.61 -0.93 4.83
N SER A 25 -4.85 -1.87 5.39
CA SER A 25 -5.15 -2.42 6.71
C SER A 25 -3.88 -2.63 7.52
N PHE A 26 -3.89 -2.17 8.76
CA PHE A 26 -2.68 -2.13 9.57
C PHE A 26 -2.75 -3.13 10.72
N ILE A 27 -1.63 -3.78 11.00
CA ILE A 27 -1.50 -4.57 12.22
C ILE A 27 -0.19 -4.26 12.93
N PRO A 28 -0.17 -4.45 14.25
CA PRO A 28 1.05 -4.30 15.03
C PRO A 28 2.04 -5.41 14.72
N GLY A 29 3.33 -5.08 14.77
CA GLY A 29 4.38 -6.08 14.60
C GLY A 29 4.86 -6.63 15.93
N GLU A 30 5.45 -7.82 15.90
CA GLU A 30 5.99 -8.43 17.12
C GLU A 30 7.10 -7.59 17.71
N ASP A 31 7.79 -6.85 16.86
CA ASP A 31 8.93 -6.04 17.29
C ASP A 31 8.49 -4.63 17.65
N GLY A 32 7.18 -4.42 17.75
CA GLY A 32 6.63 -3.14 18.13
C GLY A 32 6.46 -2.22 16.93
N GLY A 33 6.80 -2.74 15.74
CA GLY A 33 6.67 -1.98 14.51
C GLY A 33 5.27 -2.13 13.93
N TYR A 34 5.13 -1.81 12.64
CA TYR A 34 3.83 -1.87 11.98
C TYR A 34 3.92 -2.61 10.65
N VAL A 35 2.89 -3.42 10.36
CA VAL A 35 2.76 -4.05 9.06
C VAL A 35 1.45 -3.65 8.39
N CYS A 36 1.54 -3.29 7.12
CA CYS A 36 0.38 -2.79 6.39
C CYS A 36 0.12 -3.59 5.12
N LYS A 37 -1.12 -4.03 4.95
CA LYS A 37 -1.55 -4.68 3.72
C LYS A 37 -2.34 -3.73 2.84
N VAL A 38 -2.03 -3.73 1.55
CA VAL A 38 -2.77 -2.92 0.58
C VAL A 38 -3.40 -3.79 -0.50
N GLU A 39 -4.64 -3.46 -0.87
CA GLU A 39 -5.34 -4.19 -1.91
C GLU A 39 -5.81 -3.24 -3.02
N LEU A 40 -5.50 -3.60 -4.27
CA LEU A 40 -5.96 -2.83 -5.42
C LEU A 40 -5.97 -3.69 -6.67
N LEU A 41 -7.11 -3.71 -7.37
CA LEU A 41 -7.27 -4.53 -8.55
C LEU A 41 -6.95 -5.99 -8.26
N GLU A 42 -7.36 -6.46 -7.09
CA GLU A 42 -7.15 -7.85 -6.72
C GLU A 42 -5.66 -8.18 -6.64
N ILE A 43 -4.84 -7.16 -6.47
CA ILE A 43 -3.42 -7.36 -6.16
C ILE A 43 -3.14 -7.05 -4.69
N GLU A 44 -2.36 -7.92 -4.05
CA GLU A 44 -2.00 -7.73 -2.65
C GLU A 44 -0.52 -7.39 -2.51
N ALA A 45 -0.20 -6.56 -1.52
CA ALA A 45 1.19 -6.36 -1.11
C ALA A 45 1.28 -5.97 0.36
N LEU A 46 2.41 -6.27 0.98
CA LEU A 46 2.65 -5.89 2.37
C LEU A 46 3.73 -4.82 2.45
N GLY A 47 3.66 -4.00 3.50
CA GLY A 47 4.77 -3.13 3.87
C GLY A 47 5.12 -3.27 5.35
N ASN A 48 6.35 -2.92 5.71
CA ASN A 48 6.85 -3.14 7.06
C ASN A 48 7.80 -2.02 7.47
N GLY A 49 7.46 -1.34 8.57
CA GLY A 49 8.26 -0.23 9.06
C GLY A 49 8.01 0.01 10.55
N ARG A 50 8.52 1.14 11.04
CA ARG A 50 8.38 1.48 12.45
C ARG A 50 7.22 2.44 12.67
N SER A 51 6.44 2.68 11.62
CA SER A 51 5.26 3.54 11.71
C SER A 51 4.23 3.15 10.68
N LYS A 52 2.98 3.55 10.91
CA LYS A 52 1.91 3.38 9.94
C LYS A 52 2.22 4.10 8.63
N ARG A 53 2.83 5.27 8.75
CA ARG A 53 3.27 6.02 7.58
C ARG A 53 4.21 5.21 6.71
N ASP A 54 5.26 4.66 7.33
CA ASP A 54 6.26 3.89 6.60
C ASP A 54 5.63 2.67 5.95
N ALA A 55 4.91 1.88 6.74
CA ALA A 55 4.34 0.63 6.26
C ALA A 55 3.36 0.88 5.13
N LYS A 56 2.60 1.97 5.22
CA LYS A 56 1.60 2.29 4.23
C LYS A 56 2.23 2.55 2.86
N HIS A 57 3.26 3.39 2.84
CA HIS A 57 3.91 3.76 1.60
C HIS A 57 4.72 2.60 1.03
N LEU A 58 5.33 1.82 1.92
CA LEU A 58 6.06 0.63 1.51
C LEU A 58 5.14 -0.39 0.85
N ALA A 59 3.97 -0.60 1.45
CA ALA A 59 2.94 -1.44 0.86
C ALA A 59 2.47 -0.88 -0.48
N ALA A 60 2.24 0.44 -0.52
CA ALA A 60 1.81 1.11 -1.73
C ALA A 60 2.84 0.96 -2.84
N SER A 61 4.11 1.07 -2.48
CA SER A 61 5.20 0.96 -3.44
C SER A 61 5.23 -0.43 -4.08
N ASN A 62 5.08 -1.46 -3.26
CA ASN A 62 5.14 -2.84 -3.73
C ASN A 62 4.01 -3.13 -4.71
N ILE A 63 2.79 -2.80 -4.33
CA ILE A 63 1.63 -3.04 -5.18
C ILE A 63 1.65 -2.14 -6.40
N LEU A 64 2.20 -0.94 -6.26
CA LEU A 64 2.37 -0.03 -7.38
C LEU A 64 3.17 -0.68 -8.50
N ARG A 65 4.30 -1.27 -8.15
CA ARG A 65 5.15 -1.94 -9.13
C ARG A 65 4.42 -3.10 -9.79
N LYS A 66 3.68 -3.86 -8.99
CA LYS A 66 2.96 -5.04 -9.49
C LYS A 66 1.94 -4.65 -10.55
N ILE A 67 1.32 -3.49 -10.36
CA ILE A 67 0.25 -3.04 -11.25
C ILE A 67 0.81 -2.17 -12.37
N GLN A 68 1.76 -1.30 -12.04
CA GLN A 68 2.20 -0.26 -12.94
C GLN A 68 3.19 -0.79 -13.97
N LEU A 69 4.07 -1.69 -13.53
CA LEU A 69 5.18 -2.14 -14.35
C LEU A 69 4.90 -3.51 -14.96
N ALA A 6 4.55 7.09 -1.99
CA ALA A 6 4.11 5.95 -2.79
C ALA A 6 2.60 5.92 -2.91
N VAL A 7 1.91 6.22 -1.82
CA VAL A 7 0.45 6.22 -1.80
C VAL A 7 -0.11 7.17 -2.84
N SER A 8 0.47 8.35 -2.94
CA SER A 8 0.00 9.37 -3.87
C SER A 8 0.11 8.89 -5.31
N ALA A 9 1.09 8.03 -5.57
CA ALA A 9 1.27 7.46 -6.90
C ALA A 9 0.10 6.58 -7.30
N LEU A 10 -0.41 5.81 -6.34
CA LEU A 10 -1.58 4.98 -6.56
C LEU A 10 -2.83 5.82 -6.77
N GLN A 11 -2.93 6.92 -6.01
CA GLN A 11 -4.06 7.83 -6.12
C GLN A 11 -4.15 8.45 -7.50
N GLU A 12 -3.00 8.89 -8.03
CA GLU A 12 -2.93 9.40 -9.38
C GLU A 12 -3.27 8.32 -10.40
N PHE A 13 -2.70 7.14 -10.23
CA PHE A 13 -2.99 6.00 -11.09
C PHE A 13 -4.49 5.73 -11.14
N CYS A 14 -5.12 5.65 -9.97
CA CYS A 14 -6.54 5.37 -9.88
C CYS A 14 -7.37 6.47 -10.53
N ALA A 15 -6.95 7.71 -10.35
CA ALA A 15 -7.62 8.85 -10.97
C ALA A 15 -7.55 8.78 -12.48
N ARG A 16 -6.38 8.46 -13.00
CA ARG A 16 -6.17 8.39 -14.45
C ARG A 16 -6.94 7.23 -15.06
N THR A 17 -7.01 6.11 -14.34
CA THR A 17 -7.68 4.93 -14.82
C THR A 17 -9.13 4.88 -14.35
N GLN A 18 -9.51 5.84 -13.52
CA GLN A 18 -10.88 5.95 -13.04
C GLN A 18 -11.33 4.66 -12.35
N ILE A 19 -10.54 4.20 -11.38
CA ILE A 19 -10.89 3.03 -10.59
C ILE A 19 -10.93 3.37 -9.10
N ASN A 20 -11.34 2.39 -8.29
CA ASN A 20 -11.39 2.58 -6.85
C ASN A 20 -10.01 2.84 -6.27
N LEU A 21 -9.95 3.59 -5.19
CA LEU A 21 -8.71 3.81 -4.46
C LEU A 21 -8.28 2.54 -3.72
N PRO A 22 -6.98 2.41 -3.49
CA PRO A 22 -6.45 1.26 -2.77
C PRO A 22 -6.95 1.21 -1.34
N THR A 23 -7.12 0.01 -0.81
CA THR A 23 -7.54 -0.17 0.58
C THR A 23 -6.40 -0.68 1.44
N TYR A 24 -6.23 -0.08 2.62
CA TYR A 24 -5.13 -0.42 3.51
C TYR A 24 -5.63 -1.02 4.81
N SER A 25 -4.86 -1.96 5.36
CA SER A 25 -5.17 -2.52 6.67
C SER A 25 -3.90 -2.73 7.48
N PHE A 26 -3.92 -2.26 8.73
CA PHE A 26 -2.71 -2.20 9.54
C PHE A 26 -2.76 -3.21 10.68
N ILE A 27 -1.62 -3.83 10.97
CA ILE A 27 -1.46 -4.61 12.18
C ILE A 27 -0.15 -4.27 12.89
N PRO A 28 -0.14 -4.46 14.21
CA PRO A 28 1.08 -4.28 14.99
C PRO A 28 2.09 -5.37 14.68
N GLY A 29 3.37 -5.02 14.74
CA GLY A 29 4.45 -5.99 14.57
C GLY A 29 4.94 -6.52 15.91
N GLU A 30 5.55 -7.70 15.89
CA GLU A 30 6.09 -8.30 17.10
C GLU A 30 7.21 -7.44 17.69
N ASP A 31 7.90 -6.69 16.83
CA ASP A 31 9.01 -5.87 17.26
C ASP A 31 8.55 -4.46 17.60
N GLY A 32 7.25 -4.28 17.71
CA GLY A 32 6.67 -2.99 18.08
C GLY A 32 6.49 -2.09 16.86
N GLY A 33 6.84 -2.61 15.69
CA GLY A 33 6.68 -1.87 14.44
C GLY A 33 5.27 -2.05 13.87
N TYR A 34 5.12 -1.74 12.59
CA TYR A 34 3.82 -1.81 11.93
C TYR A 34 3.91 -2.54 10.60
N VAL A 35 2.92 -3.38 10.33
CA VAL A 35 2.79 -4.02 9.02
C VAL A 35 1.47 -3.68 8.37
N CYS A 36 1.50 -3.33 7.08
CA CYS A 36 0.33 -2.87 6.37
C CYS A 36 0.10 -3.68 5.11
N LYS A 37 -1.14 -4.12 4.91
CA LYS A 37 -1.54 -4.75 3.66
C LYS A 37 -2.33 -3.77 2.78
N VAL A 38 -2.02 -3.76 1.49
CA VAL A 38 -2.75 -2.94 0.53
C VAL A 38 -3.37 -3.80 -0.57
N GLU A 39 -4.60 -3.47 -0.94
CA GLU A 39 -5.30 -4.18 -2.00
C GLU A 39 -5.77 -3.22 -3.09
N LEU A 40 -5.45 -3.55 -4.34
CA LEU A 40 -5.93 -2.77 -5.48
C LEU A 40 -5.88 -3.60 -6.76
N LEU A 41 -7.01 -3.63 -7.48
CA LEU A 41 -7.10 -4.42 -8.69
C LEU A 41 -6.76 -5.88 -8.44
N GLU A 42 -7.18 -6.39 -7.29
CA GLU A 42 -6.96 -7.79 -6.94
C GLU A 42 -5.47 -8.10 -6.85
N ILE A 43 -4.66 -7.06 -6.64
CA ILE A 43 -3.25 -7.24 -6.31
C ILE A 43 -2.99 -6.95 -4.83
N GLU A 44 -2.22 -7.84 -4.20
CA GLU A 44 -1.89 -7.67 -2.78
C GLU A 44 -0.41 -7.35 -2.61
N ALA A 45 -0.12 -6.53 -1.59
CA ALA A 45 1.26 -6.32 -1.16
C ALA A 45 1.33 -5.96 0.31
N LEU A 46 2.46 -6.25 0.95
CA LEU A 46 2.69 -5.87 2.33
C LEU A 46 3.77 -4.79 2.44
N GLY A 47 3.67 -3.99 3.49
CA GLY A 47 4.78 -3.11 3.87
C GLY A 47 5.11 -3.26 5.36
N ASN A 48 6.36 -2.99 5.71
CA ASN A 48 6.84 -3.22 7.07
C ASN A 48 7.82 -2.14 7.50
N GLY A 49 7.41 -1.34 8.48
CA GLY A 49 8.23 -0.23 8.95
C GLY A 49 8.05 0.00 10.45
N ARG A 50 8.37 1.20 10.91
CA ARG A 50 8.29 1.53 12.32
C ARG A 50 7.10 2.43 12.61
N SER A 51 6.26 2.63 11.60
CA SER A 51 5.07 3.46 11.75
C SER A 51 4.02 3.10 10.70
N LYS A 52 2.78 3.55 10.95
CA LYS A 52 1.72 3.42 9.96
C LYS A 52 2.08 4.14 8.66
N ARG A 53 2.74 5.29 8.79
CA ARG A 53 3.25 6.01 7.63
C ARG A 53 4.17 5.14 6.78
N ASP A 54 5.20 4.58 7.42
CA ASP A 54 6.16 3.74 6.73
C ASP A 54 5.48 2.58 6.01
N ALA A 55 4.73 1.79 6.77
CA ALA A 55 4.15 0.55 6.26
C ALA A 55 3.18 0.84 5.11
N LYS A 56 2.44 1.93 5.23
CA LYS A 56 1.45 2.29 4.23
C LYS A 56 2.10 2.58 2.89
N HIS A 57 3.16 3.39 2.90
CA HIS A 57 3.84 3.78 1.68
C HIS A 57 4.66 2.62 1.12
N LEU A 58 5.26 1.84 2.01
CA LEU A 58 6.01 0.65 1.62
C LEU A 58 5.10 -0.36 0.92
N ALA A 59 3.92 -0.59 1.48
CA ALA A 59 2.92 -1.43 0.85
C ALA A 59 2.47 -0.85 -0.48
N ALA A 60 2.22 0.46 -0.50
CA ALA A 60 1.80 1.14 -1.71
C ALA A 60 2.84 1.02 -2.81
N SER A 61 4.11 1.13 -2.44
CA SER A 61 5.20 1.02 -3.39
C SER A 61 5.24 -0.35 -4.04
N ASN A 62 5.08 -1.39 -3.23
CA ASN A 62 5.18 -2.76 -3.70
C ASN A 62 4.06 -3.08 -4.68
N ILE A 63 2.83 -2.74 -4.32
CA ILE A 63 1.67 -2.99 -5.17
C ILE A 63 1.71 -2.13 -6.42
N LEU A 64 2.24 -0.92 -6.27
CA LEU A 64 2.44 -0.02 -7.41
C LEU A 64 3.29 -0.68 -8.49
N ARG A 65 4.44 -1.21 -8.08
CA ARG A 65 5.32 -1.92 -9.01
C ARG A 65 4.59 -3.06 -9.70
N LYS A 66 3.87 -3.85 -8.92
CA LYS A 66 3.17 -5.02 -9.44
C LYS A 66 2.16 -4.62 -10.51
N ILE A 67 1.48 -3.49 -10.29
CA ILE A 67 0.47 -3.03 -11.22
C ILE A 67 1.09 -2.42 -12.47
N GLN A 68 2.16 -1.65 -12.27
CA GLN A 68 2.83 -0.98 -13.37
C GLN A 68 3.41 -1.98 -14.36
N LEU A 69 3.94 -3.08 -13.84
CA LEU A 69 4.58 -4.09 -14.67
C LEU A 69 3.55 -4.90 -15.45
N ALA A 6 4.66 6.95 -2.04
CA ALA A 6 4.20 5.81 -2.83
C ALA A 6 2.69 5.81 -2.96
N VAL A 7 2.00 6.14 -1.87
CA VAL A 7 0.54 6.16 -1.86
C VAL A 7 0.00 7.11 -2.92
N SER A 8 0.60 8.29 -3.02
CA SER A 8 0.16 9.30 -3.97
C SER A 8 0.25 8.79 -5.41
N ALA A 9 1.21 7.92 -5.66
CA ALA A 9 1.39 7.34 -6.98
C ALA A 9 0.20 6.46 -7.36
N LEU A 10 -0.31 5.72 -6.39
CA LEU A 10 -1.49 4.89 -6.61
C LEU A 10 -2.73 5.75 -6.82
N GLN A 11 -2.81 6.86 -6.10
CA GLN A 11 -3.94 7.78 -6.22
C GLN A 11 -4.01 8.38 -7.61
N GLU A 12 -2.86 8.80 -8.14
CA GLU A 12 -2.78 9.30 -9.50
C GLU A 12 -3.14 8.21 -10.50
N PHE A 13 -2.56 7.02 -10.31
CA PHE A 13 -2.89 5.87 -11.14
C PHE A 13 -4.40 5.62 -11.18
N CYS A 14 -5.01 5.59 -10.00
CA CYS A 14 -6.44 5.31 -9.88
C CYS A 14 -7.26 6.39 -10.57
N ALA A 15 -6.82 7.64 -10.42
CA ALA A 15 -7.50 8.77 -11.07
C ALA A 15 -7.43 8.66 -12.58
N ARG A 16 -6.26 8.30 -13.10
CA ARG A 16 -6.07 8.18 -14.54
C ARG A 16 -6.86 7.03 -15.11
N THR A 17 -6.95 5.94 -14.36
CA THR A 17 -7.65 4.74 -14.80
C THR A 17 -9.10 4.73 -14.32
N GLN A 18 -9.44 5.72 -13.51
CA GLN A 18 -10.81 5.85 -13.01
C GLN A 18 -11.27 4.58 -12.29
N ILE A 19 -10.48 4.15 -11.32
CA ILE A 19 -10.84 2.99 -10.50
C ILE A 19 -10.89 3.36 -9.02
N ASN A 20 -11.34 2.42 -8.20
CA ASN A 20 -11.40 2.62 -6.76
C ASN A 20 -10.01 2.81 -6.17
N LEU A 21 -9.91 3.64 -5.13
CA LEU A 21 -8.66 3.84 -4.42
C LEU A 21 -8.25 2.59 -3.65
N PRO A 22 -6.95 2.43 -3.42
CA PRO A 22 -6.44 1.28 -2.69
C PRO A 22 -6.92 1.30 -1.24
N THR A 23 -7.12 0.11 -0.67
CA THR A 23 -7.52 -0.01 0.72
C THR A 23 -6.38 -0.56 1.58
N TYR A 24 -6.18 0.05 2.74
CA TYR A 24 -5.07 -0.31 3.62
C TYR A 24 -5.57 -0.86 4.94
N SER A 25 -4.84 -1.83 5.49
CA SER A 25 -5.06 -2.26 6.87
C SER A 25 -3.74 -2.46 7.59
N PHE A 26 -3.74 -2.22 8.90
CA PHE A 26 -2.50 -2.19 9.67
C PHE A 26 -2.57 -3.14 10.86
N ILE A 27 -1.49 -3.89 11.07
CA ILE A 27 -1.33 -4.68 12.28
C ILE A 27 -0.08 -4.29 13.04
N PRO A 28 -0.23 -3.96 14.31
CA PRO A 28 0.90 -3.57 15.14
C PRO A 28 1.79 -4.75 15.47
N GLY A 29 3.08 -4.50 15.64
CA GLY A 29 4.03 -5.54 16.02
C GLY A 29 4.53 -5.34 17.45
N GLU A 30 5.38 -6.24 17.90
CA GLU A 30 5.87 -6.22 19.28
C GLU A 30 6.72 -4.98 19.53
N ASP A 31 7.41 -4.51 18.49
CA ASP A 31 8.36 -3.42 18.63
C ASP A 31 7.67 -2.07 18.46
N GLY A 32 6.35 -2.09 18.38
CA GLY A 32 5.56 -0.87 18.27
C GLY A 32 5.38 -0.46 16.82
N GLY A 33 6.02 -1.19 15.92
CA GLY A 33 5.91 -0.92 14.49
C GLY A 33 4.62 -1.49 13.91
N TYR A 34 4.46 -1.37 12.59
CA TYR A 34 3.25 -1.83 11.92
C TYR A 34 3.57 -2.59 10.65
N VAL A 35 2.79 -3.63 10.38
CA VAL A 35 2.78 -4.25 9.06
C VAL A 35 1.47 -3.93 8.33
N CYS A 36 1.60 -3.35 7.14
CA CYS A 36 0.44 -2.86 6.40
C CYS A 36 0.14 -3.76 5.20
N LYS A 37 -1.15 -4.06 5.00
CA LYS A 37 -1.59 -4.71 3.78
C LYS A 37 -2.39 -3.77 2.89
N VAL A 38 -2.08 -3.76 1.60
CA VAL A 38 -2.80 -2.94 0.64
C VAL A 38 -3.46 -3.80 -0.44
N GLU A 39 -4.69 -3.45 -0.79
CA GLU A 39 -5.41 -4.17 -1.84
C GLU A 39 -5.85 -3.20 -2.94
N LEU A 40 -5.54 -3.55 -4.19
CA LEU A 40 -6.00 -2.78 -5.33
C LEU A 40 -5.95 -3.61 -6.60
N LEU A 41 -7.07 -3.61 -7.34
CA LEU A 41 -7.19 -4.40 -8.55
C LEU A 41 -6.89 -5.88 -8.28
N GLU A 42 -7.37 -6.36 -7.13
CA GLU A 42 -7.19 -7.77 -6.77
C GLU A 42 -5.72 -8.13 -6.67
N ILE A 43 -4.88 -7.13 -6.39
CA ILE A 43 -3.48 -7.37 -6.06
C ILE A 43 -3.20 -7.06 -4.61
N GLU A 44 -2.48 -7.96 -3.94
CA GLU A 44 -2.09 -7.76 -2.55
C GLU A 44 -0.61 -7.46 -2.42
N ALA A 45 -0.27 -6.62 -1.44
CA ALA A 45 1.12 -6.43 -1.05
C ALA A 45 1.23 -6.03 0.41
N LEU A 46 2.37 -6.35 1.03
CA LEU A 46 2.63 -5.99 2.42
C LEU A 46 3.73 -4.95 2.52
N GLY A 47 3.67 -4.14 3.58
CA GLY A 47 4.78 -3.28 3.94
C GLY A 47 5.06 -3.34 5.44
N ASN A 48 6.30 -3.04 5.82
CA ASN A 48 6.74 -3.21 7.20
C ASN A 48 7.64 -2.05 7.62
N GLY A 49 7.14 -1.22 8.54
CA GLY A 49 7.85 -0.03 8.97
C GLY A 49 7.63 0.24 10.46
N ARG A 50 8.18 1.35 10.94
CA ARG A 50 8.12 1.68 12.36
C ARG A 50 6.86 2.46 12.68
N SER A 51 6.04 2.71 11.66
CA SER A 51 4.80 3.46 11.84
C SER A 51 3.79 3.12 10.75
N LYS A 52 2.53 3.49 11.00
CA LYS A 52 1.48 3.34 9.99
C LYS A 52 1.84 4.09 8.71
N ARG A 53 2.41 5.29 8.87
CA ARG A 53 2.86 6.08 7.74
C ARG A 53 3.85 5.31 6.88
N ASP A 54 4.92 4.82 7.51
CA ASP A 54 5.97 4.12 6.80
C ASP A 54 5.43 2.87 6.10
N ALA A 55 4.72 2.04 6.86
CA ALA A 55 4.21 0.78 6.34
C ALA A 55 3.25 1.00 5.19
N LYS A 56 2.44 2.04 5.29
CA LYS A 56 1.45 2.37 4.26
C LYS A 56 2.12 2.60 2.92
N HIS A 57 3.18 3.40 2.92
CA HIS A 57 3.88 3.74 1.69
C HIS A 57 4.68 2.56 1.16
N LEU A 58 5.26 1.78 2.07
CA LEU A 58 6.00 0.58 1.71
C LEU A 58 5.09 -0.43 1.02
N ALA A 59 3.90 -0.64 1.58
CA ALA A 59 2.90 -1.50 0.96
C ALA A 59 2.45 -0.93 -0.38
N ALA A 60 2.22 0.38 -0.42
CA ALA A 60 1.81 1.05 -1.65
C ALA A 60 2.87 0.89 -2.74
N SER A 61 4.13 0.98 -2.35
CA SER A 61 5.23 0.85 -3.30
C SER A 61 5.25 -0.53 -3.93
N ASN A 62 5.06 -1.56 -3.12
CA ASN A 62 5.14 -2.94 -3.58
C ASN A 62 4.03 -3.23 -4.59
N ILE A 63 2.80 -2.88 -4.23
CA ILE A 63 1.65 -3.11 -5.09
C ILE A 63 1.72 -2.24 -6.34
N LEU A 64 2.28 -1.04 -6.20
CA LEU A 64 2.49 -0.16 -7.33
C LEU A 64 3.34 -0.83 -8.40
N ARG A 65 4.45 -1.44 -7.98
CA ARG A 65 5.36 -2.11 -8.90
C ARG A 65 4.67 -3.29 -9.58
N LYS A 66 3.88 -4.04 -8.81
CA LYS A 66 3.13 -5.16 -9.35
C LYS A 66 2.17 -4.71 -10.44
N ILE A 67 1.59 -3.52 -10.26
CA ILE A 67 0.70 -2.95 -11.25
C ILE A 67 1.46 -2.48 -12.49
N GLN A 68 2.61 -1.86 -12.26
CA GLN A 68 3.43 -1.33 -13.34
C GLN A 68 3.88 -2.44 -14.28
N LEU A 69 4.24 -3.59 -13.70
CA LEU A 69 4.83 -4.68 -14.46
C LEU A 69 3.75 -5.54 -15.11
#